data_3DUX
#
_entry.id   3DUX
#
_cell.length_a   70.02
_cell.length_b   71.44
_cell.length_c   72.79
_cell.angle_alpha   90.00
_cell.angle_beta   100.50
_cell.angle_gamma   90.00
#
_symmetry.space_group_name_H-M   'C 1 2 1'
#
loop_
_entity.id
_entity.type
_entity.pdbx_description
1 polymer 'Thrombin Light Chain'
2 polymer 'Thrombin Heavy Chain'
3 polymer 'Hirudin variant-1'
4 non-polymer 3-cyclohexyl-D-alanyl-N-(3-chlorobenzyl)-L-prolinamide
5 non-polymer 'SODIUM ION'
6 water water
#
loop_
_entity_poly.entity_id
_entity_poly.type
_entity_poly.pdbx_seq_one_letter_code
_entity_poly.pdbx_strand_id
1 'polypeptide(L)' TFGSGEADCGLRPLFEKKSLEDKTERELLESYIDGR L
2 'polypeptide(L)'
;IVEGSDAEIGMSPWQVMLFRKSPQELLCGASLISDRWVLTAAHCLLYPPWDKNFTENDLLVRIGKHSRTRYERNIEKISM
LEKIYIHPRYNWRENLDRDIALMKLKKPVAFSDYIHPVCLPDRETAASLLQAGYKGRVTGWGNLKETWTANVGKGQPSVL
QVVNLPIVERPVCKDSTRIRITDNMFCAGYKPDEGKRGDACEGDSGGPFVMKSPFNNRWYQMGIVSWGEGCDRDGKYGFY
THVFRLKKWIQKVIDQFGE
;
H
3 'polypeptide(L)' GDFEEIPEE(TYS)L I
#
# COMPACT_ATOMS: atom_id res chain seq x y z
N ALA A 7 -16.46 -0.90 10.58
CA ALA A 7 -17.11 -1.85 11.47
C ALA A 7 -16.24 -3.09 11.69
N ASP A 8 -16.07 -3.76 10.55
CA ASP A 8 -15.39 -5.02 10.37
C ASP A 8 -14.03 -4.86 9.73
N CYS A 9 -13.56 -3.61 9.59
CA CYS A 9 -12.30 -3.39 8.89
C CYS A 9 -11.16 -4.22 9.48
N GLY A 10 -10.23 -4.63 8.64
CA GLY A 10 -8.95 -5.16 9.12
C GLY A 10 -9.02 -6.55 9.70
N LEU A 11 -10.20 -7.20 9.58
CA LEU A 11 -10.34 -8.59 9.97
C LEU A 11 -10.53 -9.49 8.76
N ARG A 12 -9.55 -10.32 8.43
CA ARG A 12 -9.60 -10.99 7.14
C ARG A 12 -10.49 -12.23 7.17
N PRO A 13 -11.38 -12.39 6.20
CA PRO A 13 -12.26 -13.57 6.18
C PRO A 13 -11.51 -14.88 6.28
N LEU A 14 -10.34 -15.02 5.66
CA LEU A 14 -9.69 -16.32 5.63
C LEU A 14 -8.69 -16.48 6.79
N PHE A 15 -8.58 -15.45 7.62
CA PHE A 15 -7.63 -15.53 8.75
C PHE A 15 -8.31 -15.10 10.04
N GLU A 16 -8.30 -13.83 10.46
CA GLU A 16 -8.92 -13.46 11.75
C GLU A 16 -10.35 -13.97 11.90
N LYS A 17 -11.16 -13.95 10.85
CA LYS A 17 -12.57 -14.32 11.01
C LYS A 17 -12.71 -15.80 11.30
N LYS A 18 -11.70 -16.58 10.96
CA LYS A 18 -11.68 -18.01 11.22
C LYS A 18 -10.71 -18.42 12.32
N SER A 19 -10.08 -17.46 12.99
CA SER A 19 -9.02 -17.71 13.96
C SER A 19 -7.91 -18.58 13.39
N LEU A 20 -7.56 -18.28 12.13
CA LEU A 20 -6.40 -18.83 11.50
C LEU A 20 -5.31 -17.75 11.36
N GLU A 21 -4.06 -18.10 11.57
CA GLU A 21 -2.95 -17.18 11.43
C GLU A 21 -2.20 -17.41 10.14
N ASP A 22 -1.75 -16.29 9.54
CA ASP A 22 -0.89 -16.50 8.35
C ASP A 22 0.52 -16.90 8.73
N LYS A 23 1.35 -17.26 7.76
CA LYS A 23 2.67 -17.78 8.07
C LYS A 23 3.62 -16.80 8.72
N THR A 24 3.47 -15.48 8.67
CA THR A 24 4.56 -14.66 9.21
C THR A 24 4.01 -13.55 10.12
N GLU A 25 2.69 -13.52 10.37
CA GLU A 25 2.21 -12.42 11.23
C GLU A 25 2.86 -12.46 12.61
N ARG A 26 3.32 -13.64 13.04
CA ARG A 26 3.89 -13.63 14.40
C ARG A 26 5.21 -12.89 14.47
N GLU A 27 5.96 -12.82 13.36
CA GLU A 27 7.13 -11.94 13.24
C GLU A 27 6.81 -10.49 13.60
N LEU A 28 5.63 -10.02 13.11
CA LEU A 28 5.18 -8.67 13.45
C LEU A 28 4.88 -8.57 14.95
N LEU A 29 4.06 -9.49 15.47
CA LEU A 29 3.72 -9.43 16.92
C LEU A 29 4.99 -9.42 17.78
N GLU A 30 5.89 -10.35 17.49
CA GLU A 30 7.14 -10.39 18.28
C GLU A 30 7.92 -9.09 18.27
N SER A 31 7.80 -8.25 17.23
CA SER A 31 8.55 -6.99 17.22
C SER A 31 7.87 -5.91 18.03
N TYR A 32 6.61 -6.11 18.44
CA TYR A 32 5.87 -5.08 19.20
C TYR A 32 6.18 -5.16 20.68
N ILE A 33 7.36 -4.72 21.05
CA ILE A 33 8.13 -4.93 22.24
C ILE A 33 7.88 -3.93 23.36
N ILE B 1 8.22 -6.03 -5.08
CA ILE B 1 8.83 -6.36 -3.79
C ILE B 1 10.12 -7.17 -3.94
N VAL B 2 11.20 -6.73 -3.34
CA VAL B 2 12.46 -7.48 -3.37
C VAL B 2 12.65 -8.35 -2.12
N GLU B 3 13.05 -9.61 -2.36
CA GLU B 3 13.31 -10.53 -1.25
C GLU B 3 12.09 -10.77 -0.38
N GLY B 4 10.90 -10.70 -0.99
CA GLY B 4 9.69 -11.09 -0.30
C GLY B 4 9.33 -12.54 -0.57
N SER B 5 8.06 -12.85 -0.39
CA SER B 5 7.55 -14.20 -0.67
C SER B 5 6.15 -14.14 -1.24
N ASP B 6 5.74 -15.27 -1.81
CA ASP B 6 4.40 -15.28 -2.40
C ASP B 6 3.37 -15.08 -1.30
N ALA B 7 2.37 -14.23 -1.54
CA ALA B 7 1.33 -14.09 -0.53
C ALA B 7 0.52 -15.37 -0.41
N GLU B 8 -0.09 -15.58 0.75
CA GLU B 8 -1.09 -16.63 0.89
C GLU B 8 -2.42 -16.15 0.32
N ILE B 9 -3.31 -17.03 -0.13
CA ILE B 9 -4.62 -16.59 -0.60
C ILE B 9 -5.37 -15.84 0.51
N GLY B 10 -5.97 -14.69 0.21
CA GLY B 10 -6.67 -13.94 1.23
C GLY B 10 -5.87 -13.24 2.30
N MET B 11 -4.52 -13.26 2.16
CA MET B 11 -3.66 -12.64 3.16
C MET B 11 -3.75 -11.11 3.22
N SER B 12 -4.12 -10.52 2.09
CA SER B 12 -4.11 -9.06 1.95
C SER B 12 -5.33 -8.64 1.15
N PRO B 13 -6.52 -8.85 1.70
CA PRO B 13 -7.74 -8.74 0.90
C PRO B 13 -8.11 -7.27 0.63
N TRP B 14 -7.32 -6.36 1.17
CA TRP B 14 -7.44 -4.93 0.92
C TRP B 14 -6.53 -4.51 -0.24
N GLN B 15 -5.68 -5.36 -0.76
CA GLN B 15 -4.78 -5.04 -1.86
C GLN B 15 -5.56 -4.69 -3.11
N VAL B 16 -5.16 -3.58 -3.73
CA VAL B 16 -5.81 -3.15 -4.98
C VAL B 16 -4.72 -3.00 -6.02
N MET B 17 -5.02 -3.31 -7.29
CA MET B 17 -4.11 -3.03 -8.40
C MET B 17 -4.71 -1.90 -9.22
N LEU B 18 -3.97 -0.82 -9.44
CA LEU B 18 -4.29 0.26 -10.36
C LEU B 18 -3.86 -0.22 -11.74
N PHE B 19 -4.81 -0.28 -12.65
CA PHE B 19 -4.60 -0.88 -13.96
C PHE B 19 -4.90 0.07 -15.10
N ARG B 20 -3.90 0.25 -15.98
CA ARG B 20 -4.07 1.18 -17.11
C ARG B 20 -4.94 0.59 -18.20
N LYS B 21 -5.83 1.36 -18.83
CA LYS B 21 -6.73 0.79 -19.83
C LYS B 21 -6.08 0.57 -21.20
N SER B 22 -5.14 1.41 -21.61
CA SER B 22 -4.43 1.24 -22.87
C SER B 22 -3.09 1.96 -22.84
N PRO B 23 -1.98 1.24 -22.94
CA PRO B 23 -1.98 -0.23 -23.03
C PRO B 23 -2.20 -0.85 -21.64
N GLN B 24 -2.77 -2.05 -21.66
CA GLN B 24 -3.21 -2.73 -20.44
C GLN B 24 -1.97 -3.15 -19.66
N GLU B 25 -1.88 -2.60 -18.44
CA GLU B 25 -0.71 -2.84 -17.64
C GLU B 25 -0.88 -2.32 -16.21
N LEU B 26 -0.05 -2.85 -15.34
CA LEU B 26 0.03 -2.51 -13.93
C LEU B 26 0.56 -1.08 -13.83
N LEU B 27 -0.20 -0.25 -13.16
CA LEU B 27 0.32 1.11 -12.93
C LEU B 27 0.91 1.21 -11.54
N CYS B 28 0.17 0.66 -10.57
CA CYS B 28 0.51 0.94 -9.17
C CYS B 28 -0.30 -0.01 -8.25
N GLY B 29 0.12 0.02 -7.01
CA GLY B 29 -0.60 -0.63 -5.92
C GLY B 29 -1.55 0.39 -5.29
N ALA B 30 -2.45 -0.06 -4.43
CA ALA B 30 -3.44 0.79 -3.77
C ALA B 30 -4.11 -0.07 -2.69
N SER B 31 -5.02 0.51 -1.93
CA SER B 31 -5.66 -0.33 -0.91
C SER B 31 -7.13 0.05 -0.75
N LEU B 32 -7.94 -0.94 -0.38
CA LEU B 32 -9.35 -0.67 -0.14
C LEU B 32 -9.66 -0.26 1.28
N ILE B 33 -10.30 0.90 1.41
CA ILE B 33 -10.57 1.35 2.78
C ILE B 33 -12.06 1.42 3.12
N SER B 34 -12.90 1.16 2.13
CA SER B 34 -14.33 1.02 2.43
C SER B 34 -14.95 0.44 1.17
N ASP B 35 -16.28 0.27 1.11
CA ASP B 35 -16.76 -0.34 -0.13
C ASP B 35 -16.70 0.61 -1.32
N ARG B 36 -16.45 1.90 -1.13
CA ARG B 36 -16.31 2.80 -2.29
C ARG B 36 -15.06 3.64 -2.30
N TRP B 37 -14.08 3.46 -1.43
CA TRP B 37 -12.92 4.34 -1.50
C TRP B 37 -11.62 3.53 -1.54
N VAL B 38 -10.66 3.97 -2.36
CA VAL B 38 -9.37 3.30 -2.51
C VAL B 38 -8.30 4.36 -2.23
N LEU B 39 -7.25 3.95 -1.53
CA LEU B 39 -6.15 4.83 -1.11
C LEU B 39 -4.94 4.50 -1.94
N THR B 40 -4.20 5.51 -2.41
CA THR B 40 -2.97 5.24 -3.12
C THR B 40 -1.99 6.40 -2.96
N ALA B 41 -0.90 6.33 -3.70
CA ALA B 41 0.12 7.40 -3.68
C ALA B 41 -0.23 8.45 -4.74
N ALA B 42 -0.10 9.73 -4.40
CA ALA B 42 -0.41 10.73 -5.43
C ALA B 42 0.45 10.56 -6.68
N HIS B 43 1.69 10.12 -6.50
CA HIS B 43 2.61 10.07 -7.62
C HIS B 43 2.19 9.01 -8.63
N CYS B 44 1.32 8.09 -8.21
CA CYS B 44 0.77 7.09 -9.12
C CYS B 44 -0.10 7.72 -10.19
N LEU B 45 -0.61 8.90 -9.84
CA LEU B 45 -1.59 9.58 -10.66
C LEU B 45 -1.01 10.83 -11.30
N LEU B 46 -0.17 11.52 -10.55
CA LEU B 46 0.37 12.79 -11.04
C LEU B 46 1.85 12.88 -10.81
N TYR B 47 2.68 12.90 -11.85
CA TYR B 47 4.12 13.02 -11.62
C TYR B 47 4.71 13.66 -12.87
N PRO B 48 4.60 14.98 -12.95
CA PRO B 48 5.11 15.71 -14.13
C PRO B 48 6.54 15.41 -14.55
N PRO B 49 7.56 15.15 -13.75
CA PRO B 49 8.87 14.83 -14.30
C PRO B 49 8.87 13.64 -15.25
N TRP B 50 7.86 12.78 -15.07
CA TRP B 50 7.76 11.66 -16.00
C TRP B 50 6.57 11.81 -16.92
N ASP B 51 5.98 13.01 -17.04
CA ASP B 51 4.83 13.12 -17.90
C ASP B 51 3.72 12.18 -17.45
N LYS B 52 3.52 12.10 -16.14
CA LYS B 52 2.38 11.29 -15.66
C LYS B 52 1.29 12.20 -15.12
N ASN B 53 0.09 12.08 -15.68
CA ASN B 53 -1.10 12.79 -15.27
C ASN B 53 -2.35 12.03 -15.68
N PHE B 54 -2.81 11.09 -14.84
CA PHE B 54 -3.94 10.29 -15.27
C PHE B 54 -5.28 10.89 -14.88
N THR B 55 -6.29 10.57 -15.69
CA THR B 55 -7.63 11.01 -15.28
C THR B 55 -8.43 9.72 -15.01
N GLU B 56 -9.61 9.89 -14.47
CA GLU B 56 -10.42 8.73 -14.08
C GLU B 56 -10.50 7.71 -15.19
N ASN B 57 -10.74 8.21 -16.41
CA ASN B 57 -11.06 7.33 -17.53
C ASN B 57 -9.85 6.57 -18.05
N ASP B 58 -8.65 6.96 -17.64
CA ASP B 58 -7.47 6.22 -18.06
C ASP B 58 -7.29 4.94 -17.26
N LEU B 59 -8.04 4.74 -16.17
CA LEU B 59 -7.60 3.62 -15.34
C LEU B 59 -8.74 2.73 -14.84
N LEU B 60 -8.40 1.52 -14.39
CA LEU B 60 -9.32 0.69 -13.63
C LEU B 60 -8.68 0.25 -12.29
N VAL B 61 -9.57 -0.14 -11.38
CA VAL B 61 -9.17 -0.71 -10.07
C VAL B 61 -9.49 -2.20 -10.09
N ARG B 62 -8.52 -3.07 -9.81
CA ARG B 62 -8.80 -4.51 -9.76
C ARG B 62 -8.61 -4.98 -8.31
N ILE B 63 -9.65 -5.57 -7.72
CA ILE B 63 -9.66 -5.87 -6.29
C ILE B 63 -9.84 -7.37 -6.10
N GLY B 64 -9.22 -7.93 -5.08
CA GLY B 64 -9.33 -9.36 -4.86
C GLY B 64 -8.32 -10.18 -5.58
N LYS B 65 -7.31 -9.52 -6.18
CA LYS B 65 -6.38 -10.25 -7.00
C LYS B 65 -5.26 -10.92 -6.23
N HIS B 66 -4.70 -11.92 -6.87
CA HIS B 66 -3.57 -12.71 -6.46
C HIS B 66 -2.53 -12.78 -7.58
N SER B 67 -2.88 -13.44 -8.67
CA SER B 67 -2.02 -13.41 -9.84
C SER B 67 -1.85 -12.00 -10.35
N ARG B 68 -0.64 -11.70 -10.80
CA ARG B 68 -0.37 -10.39 -11.41
C ARG B 68 -1.11 -10.24 -12.73
N THR B 69 -0.88 -11.19 -13.65
CA THR B 69 -1.32 -10.95 -15.02
C THR B 69 -2.64 -11.60 -15.38
N ARG B 70 -3.03 -12.65 -14.67
CA ARG B 70 -4.24 -13.39 -15.06
C ARG B 70 -5.53 -12.66 -14.77
N TYR B 71 -6.57 -12.87 -15.56
CA TYR B 71 -7.91 -12.39 -15.21
C TYR B 71 -8.53 -13.42 -14.28
N GLU B 72 -8.80 -13.07 -13.04
CA GLU B 72 -9.16 -14.05 -12.00
C GLU B 72 -10.66 -14.08 -11.83
N ARG B 73 -11.21 -14.76 -12.84
CA ARG B 73 -12.63 -14.92 -13.00
C ARG B 73 -13.31 -15.51 -11.76
N ASN B 74 -14.39 -14.88 -11.33
CA ASN B 74 -15.16 -15.34 -10.20
C ASN B 74 -14.48 -14.96 -8.87
N ILE B 75 -13.35 -14.25 -8.95
CA ILE B 75 -12.64 -13.85 -7.71
C ILE B 75 -12.38 -12.35 -7.69
N GLU B 76 -11.58 -11.89 -8.65
CA GLU B 76 -11.32 -10.45 -8.68
C GLU B 76 -12.57 -9.71 -9.13
N LYS B 77 -12.60 -8.44 -8.80
CA LYS B 77 -13.62 -7.53 -9.26
C LYS B 77 -12.94 -6.30 -9.87
N ILE B 78 -13.53 -5.80 -10.94
CA ILE B 78 -12.92 -4.66 -11.63
C ILE B 78 -13.82 -3.45 -11.55
N SER B 79 -13.27 -2.33 -11.10
CA SER B 79 -14.07 -1.16 -10.78
C SER B 79 -13.62 0.09 -11.54
N MET B 80 -14.56 0.95 -11.86
CA MET B 80 -14.29 2.20 -12.56
C MET B 80 -14.24 3.36 -11.58
N LEU B 81 -13.45 4.37 -11.94
CA LEU B 81 -13.30 5.49 -11.04
C LEU B 81 -14.34 6.57 -11.37
N GLU B 82 -14.95 6.99 -10.28
CA GLU B 82 -15.85 8.14 -10.34
C GLU B 82 -15.03 9.42 -10.17
N LYS B 83 -14.09 9.41 -9.21
CA LYS B 83 -13.36 10.64 -8.95
C LYS B 83 -12.01 10.37 -8.29
N ILE B 84 -11.01 11.14 -8.68
CA ILE B 84 -9.71 11.12 -8.01
C ILE B 84 -9.51 12.36 -7.17
N TYR B 85 -8.96 12.25 -5.97
CA TYR B 85 -8.69 13.40 -5.10
C TYR B 85 -7.22 13.33 -4.71
N ILE B 86 -6.44 14.34 -5.07
CA ILE B 86 -5.02 14.32 -4.71
C ILE B 86 -4.76 15.36 -3.65
N HIS B 87 -3.92 15.08 -2.65
CA HIS B 87 -3.61 16.04 -1.60
C HIS B 87 -3.24 17.39 -2.21
N PRO B 88 -3.90 18.46 -1.80
CA PRO B 88 -3.62 19.79 -2.37
C PRO B 88 -2.21 20.30 -2.10
N ARG B 89 -1.46 19.75 -1.16
CA ARG B 89 -0.09 20.16 -0.87
C ARG B 89 0.91 19.05 -1.12
N TYR B 90 0.52 18.07 -1.94
CA TYR B 90 1.45 17.08 -2.47
C TYR B 90 2.64 17.74 -3.15
N ASN B 91 3.86 17.45 -2.72
CA ASN B 91 5.05 18.09 -3.29
C ASN B 91 5.82 17.18 -4.24
N TRP B 92 5.39 17.08 -5.49
CA TRP B 92 6.07 16.30 -6.50
C TRP B 92 7.35 16.97 -6.98
N ARG B 93 7.53 18.23 -6.61
CA ARG B 93 8.68 18.97 -7.15
C ARG B 93 9.95 18.65 -6.39
N GLU B 94 9.79 18.36 -5.09
CA GLU B 94 11.05 18.15 -4.35
C GLU B 94 11.26 16.81 -3.64
N ASN B 95 10.34 16.39 -2.77
CA ASN B 95 10.55 15.17 -1.99
C ASN B 95 9.32 14.29 -1.87
N LEU B 96 8.29 14.50 -2.69
CA LEU B 96 7.08 13.67 -2.64
C LEU B 96 6.40 13.80 -1.30
N ASP B 97 6.54 14.93 -0.60
CA ASP B 97 5.78 15.20 0.61
C ASP B 97 4.28 15.13 0.39
N ARG B 98 3.57 14.48 1.32
CA ARG B 98 2.12 14.29 1.29
C ARG B 98 1.73 13.49 0.06
N ASP B 99 2.44 12.37 -0.12
CA ASP B 99 2.27 11.51 -1.30
C ASP B 99 1.05 10.61 -1.15
N ILE B 100 -0.12 11.20 -1.40
CA ILE B 100 -1.36 10.48 -1.05
C ILE B 100 -2.50 10.90 -1.95
N ALA B 101 -3.37 9.95 -2.33
CA ALA B 101 -4.50 10.25 -3.18
C ALA B 101 -5.65 9.34 -2.77
N LEU B 102 -6.89 9.75 -2.89
CA LEU B 102 -8.07 8.91 -2.75
C LEU B 102 -8.79 8.72 -4.09
N MET B 103 -9.38 7.53 -4.26
CA MET B 103 -10.14 7.29 -5.50
C MET B 103 -11.53 6.83 -5.07
N LYS B 104 -12.54 7.46 -5.65
CA LYS B 104 -13.92 7.08 -5.39
C LYS B 104 -14.42 6.20 -6.52
N LEU B 105 -15.02 5.07 -6.14
CA LEU B 105 -15.50 4.14 -7.16
CA LEU B 105 -15.51 4.11 -7.13
C LEU B 105 -16.91 4.50 -7.58
N LYS B 106 -17.17 4.22 -8.87
CA LYS B 106 -18.47 4.48 -9.46
C LYS B 106 -19.57 3.69 -8.73
N LYS B 107 -19.27 2.45 -8.37
CA LYS B 107 -20.23 1.64 -7.63
C LYS B 107 -19.56 0.93 -6.45
N PRO B 108 -20.31 0.54 -5.42
CA PRO B 108 -19.63 -0.14 -4.30
C PRO B 108 -19.17 -1.51 -4.75
N VAL B 109 -18.08 -1.98 -4.16
CA VAL B 109 -17.59 -3.32 -4.43
C VAL B 109 -18.16 -4.28 -3.38
N ALA B 110 -18.51 -5.47 -3.83
CA ALA B 110 -19.00 -6.49 -2.92
C ALA B 110 -17.84 -7.12 -2.16
N PHE B 111 -17.92 -7.17 -0.83
CA PHE B 111 -16.88 -7.86 -0.06
C PHE B 111 -17.05 -9.36 -0.21
N SER B 112 -15.95 -10.08 0.03
CA SER B 112 -15.90 -11.52 -0.17
C SER B 112 -14.74 -12.13 0.59
N ASP B 113 -14.35 -13.38 0.44
CA ASP B 113 -13.21 -13.89 1.15
C ASP B 113 -11.89 -13.22 0.74
N TYR B 114 -11.90 -12.66 -0.46
CA TYR B 114 -10.70 -12.13 -1.08
C TYR B 114 -10.73 -10.60 -1.15
N ILE B 115 -11.84 -10.02 -0.74
CA ILE B 115 -12.08 -8.59 -0.85
C ILE B 115 -12.64 -8.03 0.44
N HIS B 116 -11.81 -7.20 1.13
CA HIS B 116 -12.15 -6.73 2.46
C HIS B 116 -11.37 -5.49 2.89
N PRO B 117 -11.94 -4.47 3.48
CA PRO B 117 -11.18 -3.22 3.71
C PRO B 117 -10.24 -3.32 4.90
N VAL B 118 -9.16 -2.54 4.83
CA VAL B 118 -8.20 -2.43 5.92
C VAL B 118 -8.62 -1.24 6.80
N CYS B 119 -8.22 -1.21 8.05
CA CYS B 119 -8.49 -0.08 8.92
C CYS B 119 -7.49 1.06 8.74
N LEU B 120 -7.95 2.27 9.04
CA LEU B 120 -7.00 3.39 9.10
C LEU B 120 -6.81 3.74 10.56
N PRO B 121 -5.57 4.04 10.94
CA PRO B 121 -5.22 4.24 12.34
C PRO B 121 -5.88 5.46 12.95
N ASP B 122 -6.27 5.30 14.21
CA ASP B 122 -6.54 6.49 15.03
C ASP B 122 -5.24 6.92 15.68
N ARG B 123 -5.27 8.09 16.34
CA ARG B 123 -4.05 8.59 16.96
C ARG B 123 -3.44 7.62 17.95
N GLU B 124 -4.23 6.82 18.70
CA GLU B 124 -3.53 6.04 19.75
C GLU B 124 -2.87 4.80 19.16
N THR B 125 -3.48 4.25 18.09
CA THR B 125 -2.88 3.12 17.38
C THR B 125 -1.57 3.56 16.71
N ALA B 126 -1.58 4.74 16.10
CA ALA B 126 -0.39 5.31 15.48
C ALA B 126 0.72 5.50 16.48
N ALA B 127 0.32 6.05 17.65
CA ALA B 127 1.33 6.34 18.66
C ALA B 127 1.95 5.03 19.14
N SER B 128 1.11 4.02 19.29
CA SER B 128 1.62 2.76 19.83
C SER B 128 2.46 1.95 18.86
N LEU B 129 2.12 1.97 17.59
CA LEU B 129 2.71 1.09 16.61
C LEU B 129 3.86 1.70 15.84
N LEU B 130 3.83 3.01 15.65
CA LEU B 130 4.88 3.64 14.84
C LEU B 130 6.13 3.94 15.64
N GLN B 131 6.88 2.90 15.93
CA GLN B 131 8.08 2.94 16.75
C GLN B 131 9.20 2.19 16.04
N ALA B 132 10.41 2.75 16.13
CA ALA B 132 11.57 2.09 15.53
C ALA B 132 11.65 0.64 15.97
N GLY B 133 11.93 -0.30 15.09
CA GLY B 133 12.05 -1.71 15.35
C GLY B 133 10.74 -2.47 15.19
N TYR B 134 9.61 -1.77 15.27
CA TYR B 134 8.32 -2.44 15.10
C TYR B 134 8.17 -2.80 13.64
N LYS B 135 7.75 -4.01 13.32
CA LYS B 135 7.64 -4.37 11.89
C LYS B 135 6.26 -4.16 11.29
N GLY B 136 6.20 -3.75 10.03
CA GLY B 136 4.97 -3.74 9.23
C GLY B 136 5.16 -4.65 8.03
N ARG B 137 4.14 -4.67 7.18
CA ARG B 137 4.09 -5.59 6.06
C ARG B 137 3.83 -4.80 4.79
N VAL B 138 4.61 -5.02 3.74
CA VAL B 138 4.29 -4.31 2.48
C VAL B 138 4.03 -5.37 1.42
N THR B 139 3.10 -5.07 0.52
CA THR B 139 2.63 -6.05 -0.47
C THR B 139 2.56 -5.41 -1.84
N GLY B 140 2.81 -6.16 -2.91
CA GLY B 140 2.64 -5.55 -4.24
C GLY B 140 3.00 -6.51 -5.36
N TRP B 141 2.73 -6.05 -6.58
CA TRP B 141 3.11 -6.83 -7.75
C TRP B 141 4.28 -6.20 -8.49
N GLY B 142 5.05 -5.32 -7.86
CA GLY B 142 6.16 -4.69 -8.51
C GLY B 142 7.36 -5.55 -8.74
N ASN B 143 8.39 -4.91 -9.34
CA ASN B 143 9.66 -5.56 -9.60
C ASN B 143 10.23 -6.37 -8.45
N LEU B 144 10.74 -7.55 -8.81
CA LEU B 144 11.45 -8.40 -7.87
C LEU B 144 12.89 -7.98 -7.61
N LYS B 145 13.43 -7.05 -8.40
CA LYS B 145 14.73 -6.46 -8.06
C LYS B 145 14.94 -5.20 -8.88
N GLU B 146 15.99 -4.43 -8.58
CA GLU B 146 16.19 -3.17 -9.27
C GLU B 146 16.35 -3.32 -10.78
N GLN B 156 9.51 -9.50 -12.69
CA GLN B 156 8.10 -9.44 -12.33
C GLN B 156 7.63 -10.79 -11.78
N PRO B 157 6.80 -10.71 -10.73
CA PRO B 157 6.24 -11.89 -10.09
C PRO B 157 4.96 -12.39 -10.76
N SER B 158 4.77 -13.69 -10.57
CA SER B 158 3.57 -14.36 -10.98
C SER B 158 2.40 -14.03 -10.07
N VAL B 159 2.69 -13.90 -8.76
CA VAL B 159 1.62 -13.56 -7.84
C VAL B 159 2.06 -12.47 -6.83
N LEU B 160 1.06 -11.95 -6.16
CA LEU B 160 1.26 -10.94 -5.12
C LEU B 160 2.41 -11.29 -4.19
N GLN B 161 3.33 -10.36 -3.93
CA GLN B 161 4.45 -10.61 -3.02
C GLN B 161 4.27 -9.86 -1.71
N VAL B 162 4.88 -10.40 -0.65
CA VAL B 162 4.75 -9.85 0.69
C VAL B 162 6.12 -9.78 1.35
N VAL B 163 6.43 -8.74 2.12
CA VAL B 163 7.68 -8.66 2.89
C VAL B 163 7.40 -7.90 4.19
N ASN B 164 7.97 -8.33 5.30
CA ASN B 164 7.82 -7.69 6.60
C ASN B 164 9.10 -6.87 6.84
N LEU B 165 8.97 -5.61 7.21
CA LEU B 165 10.12 -4.71 7.38
C LEU B 165 9.97 -3.89 8.65
N PRO B 166 11.06 -3.71 9.39
CA PRO B 166 11.06 -2.88 10.60
C PRO B 166 11.09 -1.40 10.30
N ILE B 167 10.32 -0.60 11.03
CA ILE B 167 10.37 0.87 10.98
C ILE B 167 11.77 1.31 11.43
N VAL B 168 12.33 2.32 10.80
CA VAL B 168 13.72 2.70 11.14
C VAL B 168 13.71 4.02 11.87
N GLU B 169 14.70 4.22 12.76
CA GLU B 169 14.69 5.49 13.49
C GLU B 169 14.88 6.68 12.58
N ARG B 170 14.16 7.77 12.86
CA ARG B 170 14.22 8.92 11.99
C ARG B 170 15.63 9.46 11.75
N PRO B 171 16.57 9.52 12.68
CA PRO B 171 17.92 10.03 12.35
C PRO B 171 18.63 9.16 11.34
N VAL B 172 18.43 7.85 11.46
CA VAL B 172 19.00 6.95 10.48
C VAL B 172 18.36 7.18 9.12
N CYS B 173 17.03 7.33 9.12
CA CYS B 173 16.35 7.59 7.86
C CYS B 173 16.99 8.82 7.22
N LYS B 174 17.10 9.88 8.02
CA LYS B 174 17.59 11.15 7.46
C LYS B 174 19.03 11.02 7.00
N ASP B 175 19.85 10.31 7.74
CA ASP B 175 21.25 10.18 7.36
C ASP B 175 21.49 9.25 6.19
N SER B 176 20.46 8.51 5.73
CA SER B 176 20.67 7.57 4.64
C SER B 176 20.48 8.21 3.27
N THR B 177 20.10 9.49 3.25
CA THR B 177 19.72 10.13 2.00
C THR B 177 20.10 11.60 1.96
N ARG B 178 20.18 12.14 0.75
CA ARG B 178 20.28 13.58 0.54
C ARG B 178 18.94 14.25 0.42
N ILE B 179 17.83 13.52 0.22
CA ILE B 179 16.50 14.11 0.24
C ILE B 179 16.11 14.69 1.58
N ARG B 180 15.38 15.81 1.57
CA ARG B 180 14.77 16.42 2.72
C ARG B 180 13.56 15.61 3.19
N ILE B 181 13.70 14.90 4.30
CA ILE B 181 12.57 14.10 4.77
CA ILE B 181 12.63 14.08 4.86
C ILE B 181 11.66 14.89 5.69
N THR B 182 10.36 14.64 5.61
CA THR B 182 9.39 15.36 6.40
C THR B 182 8.74 14.46 7.46
N ASP B 183 7.92 15.14 8.27
CA ASP B 183 7.14 14.44 9.30
C ASP B 183 6.03 13.61 8.66
N ASN B 184 5.80 13.84 7.36
CA ASN B 184 4.68 13.12 6.75
C ASN B 184 5.17 11.83 6.08
N MET B 185 6.37 11.40 6.43
CA MET B 185 6.96 10.18 5.90
C MET B 185 7.61 9.43 7.04
N PHE B 186 7.77 8.13 6.86
CA PHE B 186 8.62 7.32 7.73
C PHE B 186 9.39 6.36 6.84
N CYS B 187 10.49 5.78 7.34
CA CYS B 187 11.22 4.84 6.48
C CYS B 187 11.26 3.49 7.18
N ALA B 188 11.44 2.44 6.39
CA ALA B 188 11.42 1.07 6.90
C ALA B 188 12.38 0.21 6.10
N GLY B 189 12.87 -0.86 6.72
CA GLY B 189 13.87 -1.71 6.09
C GLY B 189 14.96 -2.13 7.07
N TYR B 190 15.72 -3.14 6.65
CA TYR B 190 16.77 -3.65 7.52
C TYR B 190 18.08 -2.91 7.32
N LYS B 191 18.88 -2.85 8.37
CA LYS B 191 20.23 -2.31 8.26
C LYS B 191 21.17 -3.36 7.68
N PRO B 192 22.29 -2.93 7.11
CA PRO B 192 23.27 -3.91 6.60
C PRO B 192 23.69 -4.88 7.69
N ASP B 193 23.83 -4.37 8.91
CA ASP B 193 24.27 -5.24 10.00
C ASP B 193 23.17 -6.18 10.47
N GLU B 194 21.99 -6.13 9.87
CA GLU B 194 20.88 -6.88 10.44
C GLU B 194 20.74 -8.27 9.85
N GLY B 195 21.36 -8.52 8.69
CA GLY B 195 21.21 -9.85 8.10
C GLY B 195 20.07 -9.84 7.09
N LYS B 196 18.83 -9.86 7.56
CA LYS B 196 17.62 -9.87 6.74
C LYS B 196 17.64 -8.74 5.72
N ARG B 197 16.89 -8.84 4.62
CA ARG B 197 16.75 -7.68 3.73
C ARG B 197 15.35 -7.65 3.10
N GLY B 198 15.15 -6.82 2.08
CA GLY B 198 13.83 -6.68 1.51
C GLY B 198 13.43 -5.25 1.32
N ASP B 199 12.55 -4.97 0.36
CA ASP B 199 12.19 -3.59 0.07
C ASP B 199 10.99 -3.61 -0.89
N ALA B 200 10.35 -2.45 -1.00
CA ALA B 200 9.45 -2.23 -2.10
C ALA B 200 10.30 -1.91 -3.34
N CYS B 201 9.62 -1.90 -4.47
CA CYS B 201 10.34 -1.53 -5.72
C CYS B 201 9.33 -0.96 -6.70
N GLU B 202 9.86 -0.55 -7.85
CA GLU B 202 9.04 -0.09 -8.96
C GLU B 202 7.79 -0.92 -9.16
N GLY B 203 6.62 -0.33 -9.18
CA GLY B 203 5.38 -1.09 -9.40
C GLY B 203 4.62 -1.27 -8.09
N ASP B 204 5.35 -1.19 -6.97
CA ASP B 204 4.73 -1.36 -5.64
C ASP B 204 4.18 -0.05 -5.09
N SER B 205 4.58 1.08 -5.67
CA SER B 205 4.10 2.43 -5.37
C SER B 205 2.58 2.41 -5.10
N GLY B 206 2.20 3.11 -4.06
CA GLY B 206 0.81 3.27 -3.73
C GLY B 206 0.25 2.12 -2.91
N GLY B 207 0.98 1.03 -2.75
CA GLY B 207 0.53 -0.12 -1.98
C GLY B 207 0.63 0.14 -0.49
N PRO B 208 -0.01 -0.69 0.34
CA PRO B 208 -0.03 -0.41 1.78
C PRO B 208 1.10 -1.05 2.57
N PHE B 209 1.54 -0.32 3.60
CA PHE B 209 2.36 -0.81 4.70
C PHE B 209 1.39 -1.00 5.86
N VAL B 210 1.21 -2.27 6.27
CA VAL B 210 0.19 -2.52 7.29
C VAL B 210 0.83 -3.12 8.54
N MET B 211 0.12 -2.93 9.67
CA MET B 211 0.59 -3.51 10.92
C MET B 211 -0.59 -4.17 11.64
N LYS B 212 -0.36 -5.23 12.39
CA LYS B 212 -1.50 -5.84 13.08
C LYS B 212 -1.55 -5.42 14.52
N SER B 213 -2.61 -4.69 14.90
CA SER B 213 -2.64 -4.20 16.28
C SER B 213 -2.70 -5.38 17.26
N PRO B 214 -1.81 -5.37 18.26
CA PRO B 214 -1.88 -6.41 19.29
C PRO B 214 -2.94 -6.08 20.33
N PHE B 215 -3.59 -4.93 20.22
CA PHE B 215 -4.64 -4.57 21.18
C PHE B 215 -6.00 -5.11 20.78
N ASN B 216 -6.30 -5.01 19.45
CA ASN B 216 -7.62 -5.48 18.99
C ASN B 216 -7.58 -6.46 17.83
N ASN B 217 -6.36 -6.85 17.47
CA ASN B 217 -6.05 -7.86 16.48
C ASN B 217 -6.61 -7.52 15.09
N ARG B 218 -6.70 -6.23 14.78
CA ARG B 218 -7.05 -5.76 13.45
C ARG B 218 -5.84 -5.19 12.69
N TRP B 219 -5.88 -5.35 11.38
CA TRP B 219 -4.85 -4.76 10.53
C TRP B 219 -5.14 -3.30 10.22
N TYR B 220 -4.11 -2.48 10.42
CA TYR B 220 -4.14 -1.07 10.14
C TYR B 220 -3.12 -0.66 9.07
N GLN B 221 -3.56 0.23 8.15
CA GLN B 221 -2.61 0.74 7.18
C GLN B 221 -1.93 1.98 7.69
N MET B 222 -0.66 1.87 8.01
CA MET B 222 0.11 2.97 8.59
C MET B 222 0.87 3.76 7.53
N GLY B 223 1.08 3.16 6.35
CA GLY B 223 1.92 3.83 5.34
C GLY B 223 1.45 3.47 3.95
N ILE B 224 1.92 4.31 3.02
CA ILE B 224 1.72 4.08 1.61
C ILE B 224 3.09 4.01 0.96
N VAL B 225 3.33 3.01 0.13
CA VAL B 225 4.62 2.91 -0.57
C VAL B 225 4.89 4.16 -1.38
N SER B 226 6.01 4.85 -1.05
CA SER B 226 6.20 6.14 -1.76
C SER B 226 7.51 6.26 -2.50
N TRP B 227 8.69 6.17 -1.92
CA TRP B 227 9.90 6.33 -2.72
C TRP B 227 11.12 5.63 -2.09
N GLY B 228 12.10 5.39 -2.97
CA GLY B 228 13.35 4.79 -2.54
C GLY B 228 14.41 5.04 -3.62
N GLU B 229 15.64 5.23 -3.15
CA GLU B 229 16.71 5.41 -4.15
C GLU B 229 17.18 4.01 -4.46
N GLY B 230 16.76 3.51 -5.63
CA GLY B 230 17.03 2.09 -5.90
C GLY B 230 16.09 1.20 -5.10
N CYS B 231 16.35 -0.10 -5.07
CA CYS B 231 15.49 -1.05 -4.39
C CYS B 231 16.38 -2.04 -3.63
N ASP B 232 16.19 -2.15 -2.34
CA ASP B 232 16.90 -3.14 -1.53
C ASP B 232 18.40 -2.91 -1.61
N ARG B 233 18.79 -1.64 -1.65
CA ARG B 233 20.19 -1.27 -1.53
C ARG B 233 20.68 -1.28 -0.10
N ASP B 234 21.87 -1.82 0.17
CA ASP B 234 22.39 -1.73 1.53
C ASP B 234 22.55 -0.27 1.95
N GLY B 235 22.15 0.05 3.18
CA GLY B 235 22.31 1.41 3.64
C GLY B 235 21.23 2.39 3.24
N LYS B 236 20.28 1.99 2.41
CA LYS B 236 19.16 2.80 1.97
C LYS B 236 17.87 2.19 2.51
N TYR B 237 16.80 2.97 2.53
CA TYR B 237 15.55 2.55 3.16
C TYR B 237 14.37 2.93 2.28
N GLY B 238 13.25 2.22 2.41
CA GLY B 238 12.11 2.66 1.60
C GLY B 238 11.33 3.70 2.40
N PHE B 239 10.73 4.64 1.73
CA PHE B 239 9.99 5.74 2.37
C PHE B 239 8.50 5.58 2.05
N TYR B 240 7.72 5.84 3.09
CA TYR B 240 6.31 5.60 3.18
C TYR B 240 5.57 6.86 3.61
N THR B 241 4.47 7.17 2.95
CA THR B 241 3.58 8.23 3.43
C THR B 241 2.97 7.88 4.79
N HIS B 242 3.04 8.81 5.71
CA HIS B 242 2.52 8.61 7.09
C HIS B 242 1.03 8.85 7.11
N VAL B 243 0.26 7.74 7.01
CA VAL B 243 -1.18 7.87 6.84
C VAL B 243 -1.85 8.62 7.97
N PHE B 244 -1.47 8.36 9.23
CA PHE B 244 -2.11 9.03 10.36
C PHE B 244 -1.94 10.55 10.27
N ARG B 245 -0.74 10.99 9.87
CA ARG B 245 -0.50 12.43 9.75
C ARG B 245 -1.38 13.08 8.70
N LEU B 246 -1.91 12.36 7.71
CA LEU B 246 -2.74 13.01 6.69
C LEU B 246 -4.20 12.63 6.82
N LYS B 247 -4.52 12.12 8.01
CA LYS B 247 -5.84 11.64 8.35
C LYS B 247 -6.95 12.67 8.22
N LYS B 248 -6.61 13.88 8.68
CA LYS B 248 -7.58 14.97 8.61
C LYS B 248 -8.05 15.18 7.18
N TRP B 249 -7.10 15.26 6.26
CA TRP B 249 -7.38 15.41 4.84
C TRP B 249 -8.23 14.26 4.34
N ILE B 250 -7.88 13.02 4.75
CA ILE B 250 -8.69 11.91 4.25
C ILE B 250 -10.12 12.01 4.75
N GLN B 251 -10.25 12.39 6.01
CA GLN B 251 -11.59 12.46 6.61
C GLN B 251 -12.42 13.53 5.92
N LYS B 252 -11.72 14.65 5.71
CA LYS B 252 -12.36 15.75 5.01
C LYS B 252 -12.87 15.30 3.65
N VAL B 253 -12.01 14.64 2.86
CA VAL B 253 -12.48 14.27 1.52
C VAL B 253 -13.68 13.35 1.58
N ILE B 254 -13.56 12.28 2.39
CA ILE B 254 -14.67 11.34 2.45
C ILE B 254 -15.92 12.00 3.01
N ASP B 255 -15.78 12.77 4.09
CA ASP B 255 -16.95 13.37 4.72
C ASP B 255 -17.66 14.37 3.84
N GLN B 256 -16.99 14.90 2.83
CA GLN B 256 -17.55 15.89 1.93
C GLN B 256 -18.05 15.26 0.64
N PHE B 257 -17.32 14.29 0.10
CA PHE B 257 -17.66 13.74 -1.21
C PHE B 257 -18.18 12.30 -1.10
N GLY B 258 -18.31 11.79 0.12
CA GLY B 258 -18.74 10.43 0.35
C GLY B 258 -20.01 10.07 -0.39
N ASP C 2 1.54 -8.47 -21.64
CA ASP C 2 1.75 -9.66 -20.84
C ASP C 2 0.53 -9.98 -19.96
N PHE C 3 -0.44 -9.09 -19.93
CA PHE C 3 -1.65 -9.24 -19.14
C PHE C 3 -2.77 -9.96 -19.85
N GLU C 4 -3.42 -10.90 -19.18
CA GLU C 4 -4.59 -11.52 -19.79
C GLU C 4 -5.60 -10.42 -20.01
N GLU C 5 -6.29 -10.44 -21.15
CA GLU C 5 -7.22 -9.37 -21.49
C GLU C 5 -8.40 -9.37 -20.52
N ILE C 6 -8.97 -8.20 -20.24
CA ILE C 6 -10.12 -8.23 -19.33
C ILE C 6 -11.39 -8.26 -20.17
N PRO C 7 -12.51 -8.65 -19.59
CA PRO C 7 -13.77 -8.66 -20.35
C PRO C 7 -13.99 -7.27 -20.96
N GLU C 8 -14.64 -7.26 -22.11
CA GLU C 8 -14.87 -6.10 -22.95
C GLU C 8 -15.49 -4.97 -22.12
N GLU C 9 -16.47 -5.38 -21.33
CA GLU C 9 -17.09 -4.55 -20.30
C GLU C 9 -15.99 -4.15 -19.33
#